data_3FO6
#
_entry.id   3FO6
#
_cell.length_a   133.180
_cell.length_b   35.270
_cell.length_c   42.120
_cell.angle_alpha   90.00
_cell.angle_beta   90.45
_cell.angle_gamma   90.00
#
_symmetry.space_group_name_H-M   'C 1 2 1'
#
loop_
_entity.id
_entity.type
_entity.pdbx_description
1 polymer 'Guanine riboswitch'
2 non-polymer 6-O-methylguanine
3 non-polymer 'ACETATE ION'
4 non-polymer 'COBALT HEXAMMINE(III)'
5 water water
#
_entity_poly.entity_id   1
_entity_poly.type   'polyribonucleotide'
_entity_poly.pdbx_seq_one_letter_code
;GGACAUAUAAUCGCGUGGAUAUGGCACGCAAGUUUCUACCGGGCACCGUAAAUGUCCGACUAUGUCCA
;
_entity_poly.pdbx_strand_id   A
#
loop_
_chem_comp.id
_chem_comp.type
_chem_comp.name
_chem_comp.formula
6GO non-polymer 6-O-methylguanine 'C6 H7 N5 O'
A RNA linking ADENOSINE-5'-MONOPHOSPHATE 'C10 H14 N5 O7 P'
ACT non-polymer 'ACETATE ION' 'C2 H3 O2 -1'
C RNA linking CYTIDINE-5'-MONOPHOSPHATE 'C9 H14 N3 O8 P'
G RNA linking GUANOSINE-5'-MONOPHOSPHATE 'C10 H14 N5 O8 P'
NCO non-polymer 'COBALT HEXAMMINE(III)' 'Co H18 N6 3'
U RNA linking URIDINE-5'-MONOPHOSPHATE 'C9 H13 N2 O9 P'
#
# COMPACT_ATOMS: atom_id res chain seq x y z
C6A 6GO B . 6.14 -9.41 -7.06
O6 6GO B . 6.74 -10.13 -5.99
C6 6GO B . 7.90 -9.54 -5.57
N1 6GO B . 8.35 -8.41 -6.13
C5 6GO B . 8.63 -10.11 -4.54
N7 6GO B . 8.49 -11.22 -3.80
C8 6GO B . 9.51 -11.28 -2.95
N9 6GO B . 10.31 -10.22 -3.14
C4 6GO B . 9.79 -9.48 -4.11
N3 6GO B . 10.18 -8.35 -4.71
C2 6GO B . 9.47 -7.82 -5.71
N2 6GO B . 9.90 -6.71 -6.31
C ACT C . -5.68 8.20 7.58
O ACT C . -5.88 8.95 6.59
OXT ACT C . -5.05 8.48 8.70
CH3 ACT C . -6.26 6.79 7.48
CO NCO D . -6.10 -1.43 12.23
N1 NCO D . -7.26 0.00 12.87
N2 NCO D . -4.94 -2.88 11.60
N3 NCO D . -7.66 -2.63 12.08
N4 NCO D . -4.54 -0.25 12.39
N5 NCO D . -6.37 -0.84 10.38
N6 NCO D . -5.82 -2.03 14.09
CO NCO E . -2.44 12.45 -3.18
N1 NCO E . -4.25 11.71 -3.47
N2 NCO E . -0.65 13.18 -2.89
N3 NCO E . -1.64 10.86 -4.01
N4 NCO E . -3.23 14.04 -2.35
N5 NCO E . -2.51 13.33 -4.95
N6 NCO E . -2.37 11.57 -1.42
CO NCO F . -5.66 3.46 -1.32
N1 NCO F . -7.27 2.94 -2.32
N2 NCO F . -4.05 3.98 -0.31
N3 NCO F . -4.55 3.08 -2.89
N4 NCO F . -6.76 3.84 0.26
N5 NCO F . -5.88 5.33 -1.92
N6 NCO F . -5.44 1.60 -0.72
CO NCO G . -2.29 7.93 14.31
N1 NCO G . -4.22 8.03 13.97
N2 NCO G . -0.36 7.84 14.65
N3 NCO G . -2.47 6.04 14.81
N4 NCO G . -2.12 9.85 13.80
N5 NCO G . -1.97 7.41 12.45
N6 NCO G . -2.60 8.46 16.18
CO NCO H . -11.97 10.77 -3.14
N1 NCO H . -10.95 10.53 -4.80
N2 NCO H . -12.98 11.00 -1.47
N3 NCO H . -11.76 8.85 -2.74
N4 NCO H . -12.18 12.68 -3.53
N5 NCO H . -10.30 11.14 -2.17
N6 NCO H . -13.64 10.39 -4.10
CO NCO I . 8.31 5.17 1.79
N1 NCO I . 10.23 5.56 1.59
N2 NCO I . 6.40 4.78 1.98
N3 NCO I . 8.74 3.69 3.01
N4 NCO I . 7.89 6.65 0.56
N5 NCO I . 8.21 6.40 3.31
N6 NCO I . 8.41 3.94 0.25
CO NCO J . 14.72 -7.40 4.86
N1 NCO J . 13.81 -6.61 3.31
N2 NCO J . 15.62 -8.19 6.42
N3 NCO J . 13.07 -7.25 5.91
N4 NCO J . 16.38 -7.56 3.82
N5 NCO J . 14.18 -9.20 4.26
N6 NCO J . 15.26 -5.61 5.45
CO NCO K . -4.79 -9.75 -5.86
N1 NCO K . -6.59 -10.22 -5.22
N2 NCO K . -3.00 -9.28 -6.50
N3 NCO K . -5.26 -10.43 -7.64
N4 NCO K . -4.33 -9.06 -4.07
N5 NCO K . -5.45 -7.97 -6.37
N6 NCO K . -4.15 -11.53 -5.35
CO NCO L . -1.57 -9.73 -15.45
N1 NCO L . -1.86 -10.05 -17.38
N2 NCO L . -1.29 -9.40 -13.53
N3 NCO L . 0.37 -9.78 -15.74
N4 NCO L . -3.52 -9.67 -15.17
N5 NCO L . -1.57 -7.79 -15.78
N6 NCO L . -1.58 -11.67 -15.13
#